data_2EEX
#
_entry.id   2EEX
#
_cell.length_a   47.944
_cell.length_b   59.120
_cell.length_c   171.113
_cell.angle_alpha   90.00
_cell.angle_beta   90.00
_cell.angle_gamma   90.00
#
_symmetry.space_group_name_H-M   'P 21 21 21'
#
loop_
_entity.id
_entity.type
_entity.pdbx_description
1 polymer Endoglucanase
2 branched beta-D-glucopyranose-(1-4)-beta-D-glucopyranose-(1-4)-beta-D-glucopyranose-(1-4)-beta-D-glucopyranose-(1-4)-beta-D-glucopyranose
3 non-polymer 'ZINC ION'
4 non-polymer 'CHLORIDE ION'
5 non-polymer GLYCEROL
6 non-polymer 'CALCIUM ION'
7 water water
#
_entity_poly.entity_id   1
_entity_poly.type   'polypeptide(L)'
_entity_poly.pdbx_seq_one_letter_code
;GSRSEPAKVVDIRIDTSAERKPISPYIYGSNQELDATVTAKRFGGNRTTGYNWENNFSNAGSDWLHYSDTYLLEDGGVPK
GEWSTPASVVTTFHDKALSKNVPYTLITLQAAGYVSADGNGPVSQEETAPSSRWKEVKFEKGAPFSLTPDTEDDYVYMDE
FVNYLVNKYGNASTPTGIKGYSIDNQPALWSHTHPRIHPDNVTAKELIEKSVALSKAVKKVDPYAEIFGPALYGFAAYET
LQSAPDWGTEGEGYRWFIDYYLDKMKKASDEEGKRLLDVLDVHWYPEARGGGERICFGADPRNIETNKARLQAPRTLWDP
TYIEDSWIGQWKKDFLPILPNLLDSIEKYYPGTKLAITEYDYGGGNHITGGIAQADVLGIFGKYGVYLATFWGDASNNYT
EAGINLYTNYDGKGGKFGDTSVKCETSDIEVSSAYASIVGEDDSKLHIILLNKNYDQPTTFNFSIDSSKNYTIGNVWAFD
RGSSNITQRTPIVNIKDNTFTYTVPALTACHIVLEAAEP
;
_entity_poly.pdbx_strand_id   A
#
loop_
_chem_comp.id
_chem_comp.type
_chem_comp.name
_chem_comp.formula
BGC D-saccharide, beta linking beta-D-glucopyranose 'C6 H12 O6'
CA non-polymer 'CALCIUM ION' 'Ca 2'
CL non-polymer 'CHLORIDE ION' 'Cl -1'
GOL non-polymer GLYCEROL 'C3 H8 O3'
ZN non-polymer 'ZINC ION' 'Zn 2'
#
# COMPACT_ATOMS: atom_id res chain seq x y z
N ALA A 7 -34.19 17.60 -2.29
CA ALA A 7 -33.89 16.63 -1.19
C ALA A 7 -33.35 15.32 -1.76
N LYS A 8 -32.06 15.07 -1.56
CA LYS A 8 -31.40 13.87 -2.06
C LYS A 8 -31.61 12.69 -1.10
N VAL A 9 -32.30 11.66 -1.60
CA VAL A 9 -32.59 10.47 -0.80
C VAL A 9 -31.87 9.25 -1.39
N VAL A 10 -31.21 8.48 -0.53
CA VAL A 10 -30.47 7.30 -0.96
C VAL A 10 -30.76 6.10 -0.06
N ASP A 11 -31.00 4.94 -0.67
CA ASP A 11 -31.28 3.74 0.10
C ASP A 11 -30.02 2.90 0.31
N ILE A 12 -29.84 2.44 1.55
CA ILE A 12 -28.70 1.60 1.89
C ILE A 12 -29.27 0.28 2.40
N ARG A 13 -28.91 -0.83 1.77
CA ARG A 13 -29.39 -2.14 2.19
C ARG A 13 -28.25 -3.05 2.60
N ILE A 14 -28.32 -3.55 3.83
CA ILE A 14 -27.27 -4.42 4.35
C ILE A 14 -27.81 -5.79 4.75
N ASP A 15 -27.01 -6.82 4.49
CA ASP A 15 -27.37 -8.20 4.87
C ASP A 15 -26.14 -8.76 5.55
N THR A 16 -26.16 -8.78 6.87
CA THR A 16 -25.05 -9.26 7.69
C THR A 16 -24.70 -10.72 7.49
N SER A 17 -25.58 -11.48 6.83
CA SER A 17 -25.33 -12.90 6.62
C SER A 17 -24.82 -13.19 5.21
N ALA A 18 -24.87 -12.19 4.33
CA ALA A 18 -24.44 -12.40 2.94
C ALA A 18 -23.08 -11.83 2.56
N GLU A 19 -22.40 -12.53 1.66
CA GLU A 19 -21.11 -12.12 1.14
C GLU A 19 -20.05 -11.86 2.21
N ARG A 20 -20.10 -12.63 3.28
CA ARG A 20 -19.12 -12.47 4.36
C ARG A 20 -17.75 -12.82 3.85
N LYS A 21 -16.79 -11.94 4.08
CA LYS A 21 -15.43 -12.18 3.65
C LYS A 21 -14.49 -11.44 4.58
N PRO A 22 -13.37 -12.07 4.96
CA PRO A 22 -12.42 -11.41 5.87
C PRO A 22 -11.75 -10.19 5.26
N ILE A 23 -11.60 -9.15 6.06
CA ILE A 23 -10.92 -7.94 5.64
C ILE A 23 -9.50 -8.06 6.19
N SER A 24 -8.49 -8.09 5.32
CA SER A 24 -7.13 -8.21 5.81
C SER A 24 -6.81 -7.04 6.73
N PRO A 25 -6.26 -7.33 7.92
CA PRO A 25 -5.94 -6.23 8.84
C PRO A 25 -4.83 -5.29 8.39
N TYR A 26 -4.07 -5.70 7.38
CA TYR A 26 -2.93 -4.91 6.90
C TYR A 26 -3.17 -3.84 5.82
N ILE A 27 -4.42 -3.59 5.46
CA ILE A 27 -4.71 -2.58 4.43
C ILE A 27 -4.63 -1.14 4.94
N TYR A 28 -4.56 -0.98 6.26
CA TYR A 28 -4.52 0.35 6.86
C TYR A 28 -3.11 0.81 7.23
N GLY A 29 -2.14 0.57 6.34
CA GLY A 29 -0.78 0.96 6.65
C GLY A 29 -0.29 2.25 6.02
N SER A 30 0.97 2.58 6.32
CA SER A 30 1.59 3.78 5.78
C SER A 30 3.09 3.53 5.58
N ASN A 31 3.71 4.40 4.79
CA ASN A 31 5.14 4.32 4.52
C ASN A 31 5.84 5.28 5.48
N GLN A 32 5.26 6.45 5.68
CA GLN A 32 5.82 7.46 6.58
C GLN A 32 5.21 7.41 7.97
N GLU A 33 5.76 8.21 8.88
CA GLU A 33 5.28 8.28 10.24
C GLU A 33 4.10 9.26 10.24
N LEU A 34 2.91 8.72 10.46
CA LEU A 34 1.70 9.51 10.43
C LEU A 34 1.07 9.76 11.78
N ASP A 35 0.19 10.76 11.82
CA ASP A 35 -0.56 11.09 13.02
C ASP A 35 -1.84 10.27 12.89
N ALA A 36 -1.67 8.95 12.89
CA ALA A 36 -2.80 8.03 12.77
C ALA A 36 -2.38 6.65 13.24
N THR A 37 -3.36 5.83 13.60
CA THR A 37 -3.09 4.46 14.03
C THR A 37 -3.04 3.64 12.75
N VAL A 38 -1.88 3.05 12.44
CA VAL A 38 -1.74 2.24 11.23
C VAL A 38 -1.58 0.76 11.58
N THR A 39 -1.80 -0.11 10.60
CA THR A 39 -1.71 -1.54 10.83
C THR A 39 -0.64 -2.25 10.01
N ALA A 40 0.18 -1.46 9.33
CA ALA A 40 1.27 -1.99 8.52
C ALA A 40 2.22 -0.84 8.24
N LYS A 41 3.52 -1.14 8.25
CA LYS A 41 4.54 -0.14 7.97
C LYS A 41 5.47 -0.69 6.90
N ARG A 42 5.70 0.12 5.87
CA ARG A 42 6.58 -0.27 4.77
C ARG A 42 7.82 0.59 4.72
N PHE A 43 8.96 -0.09 4.66
CA PHE A 43 10.25 0.56 4.54
C PHE A 43 10.57 0.40 3.05
N GLY A 44 10.25 1.42 2.27
CA GLY A 44 10.48 1.33 0.84
C GLY A 44 10.61 2.69 0.17
N GLY A 45 10.47 2.70 -1.15
CA GLY A 45 10.61 3.94 -1.87
C GLY A 45 12.00 4.07 -2.48
N ASN A 46 12.20 5.17 -3.21
CA ASN A 46 13.46 5.43 -3.89
C ASN A 46 14.74 5.24 -3.09
N ARG A 47 14.81 5.80 -1.89
CA ARG A 47 16.00 5.68 -1.07
C ARG A 47 16.41 4.26 -0.65
N THR A 48 15.48 3.31 -0.70
CA THR A 48 15.81 1.96 -0.27
C THR A 48 16.53 1.09 -1.32
N THR A 49 16.51 1.52 -2.58
CA THR A 49 17.17 0.75 -3.63
C THR A 49 18.68 0.58 -3.40
N GLY A 50 19.34 1.67 -3.01
CA GLY A 50 20.77 1.62 -2.78
C GLY A 50 21.19 1.57 -1.32
N TYR A 51 20.26 1.21 -0.44
CA TYR A 51 20.54 1.13 1.00
C TYR A 51 21.47 -0.04 1.33
N ASN A 52 22.57 0.26 2.01
CA ASN A 52 23.55 -0.74 2.42
C ASN A 52 23.36 -1.07 3.89
N TRP A 53 22.80 -2.24 4.18
CA TRP A 53 22.56 -2.62 5.56
C TRP A 53 23.82 -2.73 6.43
N GLU A 54 24.96 -2.99 5.80
CA GLU A 54 26.21 -3.14 6.54
C GLU A 54 26.65 -1.84 7.21
N ASN A 55 26.36 -0.71 6.59
CA ASN A 55 26.76 0.59 7.16
C ASN A 55 25.66 1.64 7.17
N ASN A 56 24.48 1.27 6.68
CA ASN A 56 23.32 2.17 6.66
C ASN A 56 23.36 3.34 5.67
N PHE A 57 24.38 3.38 4.81
CA PHE A 57 24.46 4.46 3.83
C PHE A 57 23.44 4.16 2.71
N SER A 58 23.04 5.18 1.96
CA SER A 58 22.09 5.02 0.87
C SER A 58 22.28 6.14 -0.14
N ASN A 59 21.65 6.01 -1.30
CA ASN A 59 21.77 7.02 -2.36
C ASN A 59 20.42 7.59 -2.79
N ALA A 60 20.34 8.93 -2.85
CA ALA A 60 19.12 9.61 -3.24
C ALA A 60 18.77 9.47 -4.72
N GLY A 61 19.74 9.10 -5.53
CA GLY A 61 19.46 8.98 -6.95
C GLY A 61 19.01 10.33 -7.49
N SER A 62 18.15 10.33 -8.50
CA SER A 62 17.69 11.58 -9.11
C SER A 62 16.92 12.52 -8.18
N ASP A 63 16.48 12.01 -7.03
CA ASP A 63 15.76 12.88 -6.10
C ASP A 63 16.68 13.92 -5.49
N TRP A 64 17.98 13.63 -5.47
CA TRP A 64 18.92 14.59 -4.89
C TRP A 64 20.37 14.47 -5.33
N LEU A 65 20.63 14.80 -6.59
CA LEU A 65 21.98 14.79 -7.14
C LEU A 65 22.79 13.50 -6.91
N HIS A 66 22.10 12.36 -6.85
CA HIS A 66 22.75 11.06 -6.66
C HIS A 66 23.70 11.05 -5.47
N TYR A 67 23.30 11.71 -4.39
CA TYR A 67 24.08 11.78 -3.15
C TYR A 67 24.07 10.47 -2.35
N SER A 68 25.25 10.04 -1.89
CA SER A 68 25.33 8.86 -1.04
C SER A 68 25.59 9.48 0.33
N ASP A 69 24.71 9.23 1.30
CA ASP A 69 24.88 9.80 2.62
C ASP A 69 24.09 9.06 3.70
N THR A 70 23.97 9.72 4.85
CA THR A 70 23.27 9.15 6.00
C THR A 70 21.80 9.57 6.10
N TYR A 71 21.22 10.03 5.00
CA TYR A 71 19.83 10.47 5.01
C TYR A 71 18.86 9.55 5.74
N LEU A 72 18.89 8.25 5.45
CA LEU A 72 17.95 7.33 6.09
C LEU A 72 18.10 7.21 7.60
N LEU A 73 19.32 7.40 8.11
CA LEU A 73 19.54 7.32 9.55
C LEU A 73 18.89 8.55 10.19
N GLU A 74 19.14 9.71 9.56
CA GLU A 74 18.60 10.98 10.05
C GLU A 74 17.08 11.00 9.97
N ASP A 75 16.55 10.75 8.77
CA ASP A 75 15.12 10.76 8.57
C ASP A 75 14.40 9.68 9.38
N GLY A 76 15.06 8.55 9.58
CA GLY A 76 14.45 7.48 10.34
C GLY A 76 14.55 7.68 11.83
N GLY A 77 15.21 8.76 12.25
CA GLY A 77 15.36 9.05 13.66
C GLY A 77 16.19 8.02 14.42
N VAL A 78 17.19 7.46 13.75
CA VAL A 78 18.07 6.47 14.38
C VAL A 78 19.03 7.17 15.35
N PRO A 79 19.16 6.64 16.56
CA PRO A 79 20.06 7.25 17.54
C PRO A 79 21.49 7.31 17.00
N LYS A 80 22.15 8.46 17.12
CA LYS A 80 23.51 8.61 16.62
C LYS A 80 24.46 7.49 17.03
N GLY A 81 24.25 6.92 18.21
CA GLY A 81 25.13 5.87 18.67
C GLY A 81 24.99 4.55 17.93
N GLU A 82 23.92 4.42 17.15
CA GLU A 82 23.67 3.19 16.39
C GLU A 82 23.92 3.37 14.89
N TRP A 83 24.34 4.56 14.50
CA TRP A 83 24.56 4.86 13.09
C TRP A 83 25.54 3.92 12.39
N SER A 84 26.50 3.39 13.13
CA SER A 84 27.48 2.48 12.55
C SER A 84 27.08 1.02 12.80
N THR A 85 25.92 0.82 13.43
CA THR A 85 25.45 -0.54 13.70
C THR A 85 24.69 -1.08 12.50
N PRO A 86 25.06 -2.28 12.03
CA PRO A 86 24.40 -2.90 10.88
C PRO A 86 22.88 -2.91 11.00
N ALA A 87 22.21 -2.55 9.91
CA ALA A 87 20.75 -2.53 9.83
C ALA A 87 20.01 -1.65 10.84
N SER A 88 20.73 -0.74 11.50
CA SER A 88 20.09 0.13 12.49
C SER A 88 18.92 0.92 11.88
N VAL A 89 19.02 1.25 10.61
CA VAL A 89 17.95 1.98 9.94
C VAL A 89 16.70 1.11 9.97
N VAL A 90 16.87 -0.16 9.60
CA VAL A 90 15.76 -1.11 9.56
C VAL A 90 15.28 -1.56 10.94
N THR A 91 16.21 -1.82 11.86
CA THR A 91 15.79 -2.27 13.19
C THR A 91 15.07 -1.14 13.94
N THR A 92 15.49 0.09 13.72
CA THR A 92 14.84 1.23 14.35
C THR A 92 13.42 1.31 13.77
N PHE A 93 13.32 1.15 12.45
CA PHE A 93 12.04 1.18 11.76
C PHE A 93 11.10 0.12 12.34
N HIS A 94 11.59 -1.11 12.46
CA HIS A 94 10.78 -2.19 12.99
C HIS A 94 10.51 -2.04 14.49
N ASP A 95 11.49 -1.59 15.25
CA ASP A 95 11.29 -1.40 16.68
C ASP A 95 10.12 -0.43 16.86
N LYS A 96 10.13 0.67 16.10
CA LYS A 96 9.06 1.66 16.17
C LYS A 96 7.70 1.07 15.86
N ALA A 97 7.65 0.23 14.82
CA ALA A 97 6.40 -0.42 14.43
C ALA A 97 5.89 -1.29 15.57
N LEU A 98 6.76 -2.14 16.10
CA LEU A 98 6.38 -3.03 17.20
C LEU A 98 5.90 -2.23 18.40
N SER A 99 6.59 -1.14 18.72
CA SER A 99 6.20 -0.32 19.86
C SER A 99 4.84 0.33 19.69
N LYS A 100 4.42 0.54 18.44
CA LYS A 100 3.13 1.15 18.15
C LYS A 100 2.08 0.08 17.90
N ASN A 101 2.42 -1.17 18.21
CA ASN A 101 1.52 -2.29 18.02
C ASN A 101 1.13 -2.53 16.55
N VAL A 102 2.04 -2.24 15.64
CA VAL A 102 1.80 -2.46 14.21
C VAL A 102 2.11 -3.93 13.96
N PRO A 103 1.12 -4.70 13.50
CA PRO A 103 1.28 -6.13 13.22
C PRO A 103 2.07 -6.54 11.98
N TYR A 104 2.22 -5.65 11.00
CA TYR A 104 2.95 -6.01 9.79
C TYR A 104 4.04 -5.03 9.37
N THR A 105 5.25 -5.53 9.21
CA THR A 105 6.38 -4.71 8.76
C THR A 105 6.87 -5.29 7.43
N LEU A 106 7.02 -4.41 6.44
CA LEU A 106 7.48 -4.81 5.11
C LEU A 106 8.79 -4.10 4.84
N ILE A 107 9.85 -4.88 4.69
CA ILE A 107 11.19 -4.35 4.45
C ILE A 107 11.67 -4.58 3.02
N THR A 108 12.01 -3.49 2.34
CA THR A 108 12.50 -3.59 0.97
C THR A 108 13.95 -4.08 0.97
N LEU A 109 14.22 -5.08 0.15
CA LEU A 109 15.56 -5.64 -0.02
C LEU A 109 16.13 -5.06 -1.31
N GLN A 110 17.44 -5.10 -1.47
CA GLN A 110 18.08 -4.50 -2.64
C GLN A 110 18.36 -5.43 -3.83
N ALA A 111 17.83 -5.07 -5.00
CA ALA A 111 18.00 -5.87 -6.20
C ALA A 111 18.52 -5.13 -7.44
N ALA A 112 18.55 -3.80 -7.42
CA ALA A 112 19.02 -3.06 -8.57
C ALA A 112 20.43 -3.48 -8.96
N GLY A 113 21.20 -3.95 -7.99
CA GLY A 113 22.54 -4.42 -8.28
C GLY A 113 23.67 -3.94 -7.38
N TYR A 114 23.55 -2.71 -6.89
CA TYR A 114 24.58 -2.13 -6.03
C TYR A 114 23.97 -1.27 -4.94
N VAL A 115 24.75 -1.06 -3.88
CA VAL A 115 24.34 -0.24 -2.75
C VAL A 115 25.50 0.67 -2.34
N SER A 116 25.18 1.80 -1.72
CA SER A 116 26.19 2.77 -1.31
C SER A 116 27.31 2.19 -0.47
N ALA A 117 28.54 2.44 -0.90
CA ALA A 117 29.71 1.97 -0.19
C ALA A 117 30.14 2.99 0.85
N ASP A 118 29.59 4.21 0.73
CA ASP A 118 29.97 5.28 1.63
C ASP A 118 28.87 6.33 1.74
N GLY A 119 29.16 7.41 2.47
CA GLY A 119 28.23 8.51 2.62
C GLY A 119 28.97 9.79 2.28
N ASN A 120 29.84 9.72 1.28
CA ASN A 120 30.65 10.86 0.87
C ASN A 120 30.02 11.88 -0.05
N GLY A 121 28.72 11.79 -0.28
CA GLY A 121 28.07 12.76 -1.13
C GLY A 121 27.78 12.32 -2.55
N PRO A 122 27.65 13.27 -3.49
CA PRO A 122 27.37 12.98 -4.90
C PRO A 122 28.28 11.97 -5.60
N VAL A 123 27.66 11.04 -6.32
CA VAL A 123 28.37 10.04 -7.07
C VAL A 123 28.33 10.55 -8.51
N SER A 124 29.50 10.75 -9.12
CA SER A 124 29.56 11.27 -10.48
C SER A 124 29.13 10.21 -11.49
N GLN A 125 28.87 10.65 -12.72
CA GLN A 125 28.49 9.70 -13.74
C GLN A 125 29.67 8.78 -14.05
N GLU A 126 30.87 9.29 -13.86
CA GLU A 126 32.07 8.51 -14.12
C GLU A 126 32.25 7.48 -12.99
N GLU A 127 31.44 7.60 -11.93
CA GLU A 127 31.52 6.67 -10.81
C GLU A 127 30.35 5.68 -10.84
N THR A 128 29.71 5.58 -12.01
CA THR A 128 28.61 4.64 -12.18
C THR A 128 29.08 3.25 -11.81
N ALA A 129 28.27 2.50 -11.06
CA ALA A 129 28.64 1.16 -10.63
C ALA A 129 29.02 0.27 -11.82
N PRO A 130 30.04 -0.58 -11.64
CA PRO A 130 30.82 -0.72 -10.41
C PRO A 130 31.89 0.37 -10.28
N SER A 131 32.21 0.74 -9.04
CA SER A 131 33.25 1.72 -8.75
C SER A 131 33.44 1.75 -7.24
N SER A 132 34.46 2.47 -6.78
CA SER A 132 34.74 2.54 -5.34
C SER A 132 33.59 3.12 -4.55
N ARG A 133 32.63 3.72 -5.24
CA ARG A 133 31.48 4.31 -4.54
C ARG A 133 30.39 3.28 -4.23
N TRP A 134 30.47 2.12 -4.88
CA TRP A 134 29.46 1.09 -4.69
C TRP A 134 29.96 -0.28 -4.26
N LYS A 135 29.06 -1.06 -3.67
CA LYS A 135 29.35 -2.42 -3.26
C LYS A 135 28.35 -3.25 -4.07
N GLU A 136 28.80 -4.35 -4.65
CA GLU A 136 27.92 -5.21 -5.42
C GLU A 136 27.06 -6.05 -4.51
N VAL A 137 25.78 -6.16 -4.86
CA VAL A 137 24.86 -6.95 -4.08
C VAL A 137 24.80 -8.37 -4.61
N LYS A 138 24.81 -9.34 -3.70
CA LYS A 138 24.69 -10.75 -4.06
C LYS A 138 23.59 -11.26 -3.14
N PHE A 139 22.62 -11.97 -3.70
CA PHE A 139 21.51 -12.47 -2.91
C PHE A 139 21.89 -13.58 -1.93
N GLU A 140 22.75 -14.49 -2.35
CA GLU A 140 23.19 -15.58 -1.47
C GLU A 140 24.69 -15.51 -1.16
N LYS A 141 25.04 -15.45 0.12
CA LYS A 141 26.43 -15.38 0.51
C LYS A 141 27.21 -16.64 0.10
N GLY A 142 26.60 -17.80 0.29
CA GLY A 142 27.27 -19.04 -0.07
C GLY A 142 28.36 -19.43 0.90
N ALA A 143 28.46 -18.68 1.99
CA ALA A 143 29.44 -18.92 3.03
C ALA A 143 28.72 -18.59 4.33
N PRO A 144 29.24 -19.07 5.48
CA PRO A 144 28.61 -18.80 6.77
C PRO A 144 28.27 -17.33 7.02
N PHE A 145 27.08 -17.08 7.54
CA PHE A 145 26.63 -15.73 7.84
C PHE A 145 27.34 -15.20 9.07
N SER A 146 27.46 -13.87 9.12
CA SER A 146 28.08 -13.20 10.26
C SER A 146 27.14 -12.10 10.71
N LEU A 147 27.08 -11.88 12.02
CA LEU A 147 26.22 -10.84 12.56
C LEU A 147 27.00 -9.52 12.52
N THR A 148 28.26 -9.60 12.13
CA THR A 148 29.11 -8.42 11.99
C THR A 148 29.68 -8.47 10.57
N PRO A 149 28.86 -8.12 9.58
CA PRO A 149 29.28 -8.13 8.17
C PRO A 149 30.56 -7.36 7.89
N ASP A 150 31.33 -7.87 6.93
CA ASP A 150 32.59 -7.27 6.52
C ASP A 150 32.28 -6.07 5.62
N THR A 151 32.61 -4.87 6.07
CA THR A 151 32.35 -3.66 5.29
C THR A 151 33.52 -3.37 4.37
N GLU A 152 34.57 -4.17 4.45
CA GLU A 152 35.77 -3.97 3.66
C GLU A 152 35.78 -4.70 2.31
N ASP A 153 35.06 -5.81 2.20
CA ASP A 153 35.06 -6.52 0.94
C ASP A 153 34.18 -5.77 -0.06
N ASP A 154 33.99 -6.34 -1.25
CA ASP A 154 33.21 -5.65 -2.28
C ASP A 154 31.76 -6.09 -2.44
N TYR A 155 31.24 -6.85 -1.49
CA TYR A 155 29.87 -7.35 -1.58
C TYR A 155 28.99 -7.15 -0.37
N VAL A 156 27.68 -7.11 -0.62
CA VAL A 156 26.68 -6.97 0.43
C VAL A 156 25.69 -8.10 0.14
N TYR A 157 25.46 -8.96 1.13
CA TYR A 157 24.57 -10.11 0.94
C TYR A 157 23.17 -9.95 1.51
N MET A 158 22.17 -10.16 0.66
CA MET A 158 20.79 -10.02 1.09
C MET A 158 20.37 -11.10 2.08
N ASP A 159 20.75 -12.35 1.87
CA ASP A 159 20.35 -13.37 2.83
C ASP A 159 21.04 -13.19 4.18
N GLU A 160 22.22 -12.59 4.19
CA GLU A 160 22.94 -12.36 5.45
C GLU A 160 22.19 -11.26 6.21
N PHE A 161 21.69 -10.29 5.44
CA PHE A 161 20.92 -9.17 5.94
C PHE A 161 19.68 -9.74 6.62
N VAL A 162 18.95 -10.60 5.91
CA VAL A 162 17.76 -11.22 6.46
C VAL A 162 18.10 -12.08 7.68
N ASN A 163 19.24 -12.75 7.64
CA ASN A 163 19.65 -13.59 8.78
C ASN A 163 19.80 -12.74 10.03
N TYR A 164 20.39 -11.55 9.86
CA TYR A 164 20.60 -10.62 10.96
C TYR A 164 19.28 -10.25 11.62
N LEU A 165 18.28 -9.94 10.79
CA LEU A 165 16.96 -9.56 11.29
C LEU A 165 16.24 -10.73 11.96
N VAL A 166 16.28 -11.90 11.33
CA VAL A 166 15.61 -13.07 11.90
C VAL A 166 16.26 -13.42 13.24
N ASN A 167 17.57 -13.27 13.33
CA ASN A 167 18.28 -13.57 14.56
C ASN A 167 17.84 -12.62 15.68
N LYS A 168 17.53 -11.39 15.32
CA LYS A 168 17.12 -10.41 16.31
C LYS A 168 15.64 -10.48 16.68
N TYR A 169 14.79 -10.69 15.69
CA TYR A 169 13.34 -10.70 15.91
C TYR A 169 12.62 -12.04 15.81
N GLY A 170 13.31 -13.08 15.36
CA GLY A 170 12.66 -14.36 15.18
C GLY A 170 12.16 -14.33 13.75
N ASN A 171 11.69 -15.46 13.21
CA ASN A 171 11.21 -15.45 11.83
C ASN A 171 9.79 -14.90 11.70
N ALA A 172 9.33 -14.76 10.46
CA ALA A 172 8.02 -14.21 10.15
C ALA A 172 6.84 -14.89 10.85
N SER A 173 7.02 -16.12 11.32
CA SER A 173 5.91 -16.82 11.99
C SER A 173 5.79 -16.46 13.46
N THR A 174 6.75 -15.69 13.97
CA THR A 174 6.72 -15.30 15.37
C THR A 174 6.08 -13.93 15.55
N PRO A 175 5.65 -13.60 16.79
CA PRO A 175 5.01 -12.32 17.10
C PRO A 175 5.79 -11.06 16.74
N THR A 176 7.11 -11.11 16.85
CA THR A 176 7.94 -9.93 16.57
C THR A 176 8.69 -9.99 15.24
N GLY A 177 8.55 -11.09 14.52
CA GLY A 177 9.25 -11.22 13.25
C GLY A 177 8.78 -10.27 12.18
N ILE A 178 9.66 -9.98 11.23
CA ILE A 178 9.33 -9.12 10.11
C ILE A 178 8.62 -10.05 9.13
N LYS A 179 7.37 -9.74 8.81
CA LYS A 179 6.57 -10.59 7.94
C LYS A 179 6.83 -10.56 6.44
N GLY A 180 7.28 -9.44 5.91
CA GLY A 180 7.50 -9.39 4.47
C GLY A 180 8.71 -8.64 3.98
N TYR A 181 9.14 -9.00 2.79
CA TYR A 181 10.29 -8.37 2.15
C TYR A 181 9.88 -8.03 0.74
N SER A 182 10.32 -6.87 0.26
CA SER A 182 9.98 -6.44 -1.09
C SER A 182 11.21 -6.54 -1.99
N ILE A 183 10.99 -6.91 -3.24
CA ILE A 183 12.07 -7.03 -4.20
C ILE A 183 12.34 -5.64 -4.74
N ASP A 184 13.09 -4.87 -3.97
CA ASP A 184 13.46 -3.51 -4.35
C ASP A 184 12.24 -2.60 -4.52
N ASN A 185 12.38 -1.58 -5.35
CA ASN A 185 11.32 -0.60 -5.57
C ASN A 185 11.34 -0.10 -7.02
N GLN A 186 10.16 -0.08 -7.62
CA GLN A 186 9.96 0.40 -9.00
C GLN A 186 11.09 0.11 -9.98
N PRO A 187 11.28 -1.18 -10.30
CA PRO A 187 12.34 -1.60 -11.22
C PRO A 187 12.31 -0.95 -12.61
N ALA A 188 11.11 -0.68 -13.14
CA ALA A 188 11.01 -0.07 -14.45
C ALA A 188 11.55 1.37 -14.44
N LEU A 189 11.76 1.91 -13.24
CA LEU A 189 12.28 3.27 -13.13
C LEU A 189 13.71 3.31 -12.61
N TRP A 190 14.34 2.14 -12.45
CA TRP A 190 15.71 2.09 -11.98
C TRP A 190 16.63 2.96 -12.84
N SER A 191 16.53 2.81 -14.16
CA SER A 191 17.37 3.56 -15.09
C SER A 191 17.11 5.07 -15.08
N HIS A 192 15.98 5.49 -14.52
CA HIS A 192 15.65 6.90 -14.44
C HIS A 192 15.96 7.49 -13.07
N THR A 193 15.57 6.76 -12.02
CA THR A 193 15.78 7.20 -10.65
C THR A 193 17.20 6.90 -10.16
N HIS A 194 17.73 5.74 -10.55
CA HIS A 194 19.06 5.32 -10.11
C HIS A 194 20.00 4.95 -11.25
N PRO A 195 20.23 5.89 -12.18
CA PRO A 195 21.12 5.66 -13.32
C PRO A 195 22.56 5.35 -12.94
N ARG A 196 22.98 5.79 -11.75
CA ARG A 196 24.34 5.55 -11.28
C ARG A 196 24.52 4.12 -10.79
N ILE A 197 23.40 3.42 -10.57
CA ILE A 197 23.41 2.04 -10.11
C ILE A 197 23.01 1.07 -11.20
N HIS A 198 21.97 1.43 -11.93
CA HIS A 198 21.39 0.59 -12.99
C HIS A 198 21.05 1.48 -14.18
N PRO A 199 22.07 1.92 -14.95
CA PRO A 199 21.88 2.79 -16.12
C PRO A 199 21.01 2.27 -17.27
N ASP A 200 21.00 0.96 -17.50
CA ASP A 200 20.20 0.39 -18.59
C ASP A 200 18.77 0.11 -18.16
N ASN A 201 17.82 0.22 -19.09
CA ASN A 201 16.43 -0.06 -18.76
C ASN A 201 16.30 -1.54 -18.41
N VAL A 202 15.70 -1.84 -17.27
CA VAL A 202 15.55 -3.23 -16.85
C VAL A 202 14.78 -4.05 -17.88
N THR A 203 15.20 -5.30 -18.07
CA THR A 203 14.50 -6.16 -19.02
C THR A 203 13.57 -7.07 -18.23
N ALA A 204 12.60 -7.66 -18.92
CA ALA A 204 11.66 -8.56 -18.27
C ALA A 204 12.40 -9.80 -17.78
N LYS A 205 13.35 -10.30 -18.58
CA LYS A 205 14.10 -11.48 -18.18
C LYS A 205 14.89 -11.22 -16.90
N GLU A 206 15.57 -10.08 -16.86
CA GLU A 206 16.39 -9.70 -15.71
C GLU A 206 15.57 -9.62 -14.41
N LEU A 207 14.41 -8.97 -14.49
CA LEU A 207 13.58 -8.82 -13.31
C LEU A 207 13.14 -10.17 -12.78
N ILE A 208 12.72 -11.07 -13.66
CA ILE A 208 12.29 -12.40 -13.23
C ILE A 208 13.45 -13.14 -12.59
N GLU A 209 14.58 -13.19 -13.30
CA GLU A 209 15.76 -13.86 -12.79
C GLU A 209 16.11 -13.35 -11.39
N LYS A 210 16.15 -12.04 -11.24
CA LYS A 210 16.47 -11.45 -9.94
C LYS A 210 15.43 -11.76 -8.87
N SER A 211 14.16 -11.64 -9.24
CA SER A 211 13.07 -11.90 -8.31
C SER A 211 13.11 -13.34 -7.80
N VAL A 212 13.35 -14.28 -8.70
CA VAL A 212 13.41 -15.69 -8.33
C VAL A 212 14.61 -15.97 -7.44
N ALA A 213 15.77 -15.43 -7.80
CA ALA A 213 16.98 -15.64 -7.03
C ALA A 213 16.90 -15.04 -5.63
N LEU A 214 16.38 -13.81 -5.53
CA LEU A 214 16.28 -13.17 -4.22
C LEU A 214 15.25 -13.86 -3.34
N SER A 215 14.14 -14.27 -3.93
CA SER A 215 13.10 -14.95 -3.15
C SER A 215 13.66 -16.25 -2.58
N LYS A 216 14.36 -17.02 -3.41
CA LYS A 216 14.96 -18.28 -2.97
C LYS A 216 15.92 -18.05 -1.82
N ALA A 217 16.76 -17.03 -1.97
CA ALA A 217 17.74 -16.70 -0.94
C ALA A 217 17.07 -16.35 0.38
N VAL A 218 16.03 -15.52 0.31
CA VAL A 218 15.32 -15.10 1.50
C VAL A 218 14.60 -16.26 2.20
N LYS A 219 13.86 -17.05 1.44
CA LYS A 219 13.12 -18.16 2.02
C LYS A 219 13.98 -19.27 2.62
N LYS A 220 15.23 -19.36 2.22
CA LYS A 220 16.11 -20.37 2.82
C LYS A 220 16.42 -19.94 4.25
N VAL A 221 16.44 -18.63 4.48
CA VAL A 221 16.72 -18.10 5.82
C VAL A 221 15.43 -18.05 6.64
N ASP A 222 14.36 -17.56 6.02
CA ASP A 222 13.05 -17.48 6.67
C ASP A 222 11.99 -18.03 5.74
N PRO A 223 11.71 -19.33 5.81
CA PRO A 223 10.71 -19.93 4.94
C PRO A 223 9.30 -19.38 5.16
N TYR A 224 9.12 -18.59 6.22
CA TYR A 224 7.81 -18.02 6.55
C TYR A 224 7.60 -16.61 6.04
N ALA A 225 8.68 -15.97 5.58
CA ALA A 225 8.60 -14.61 5.09
C ALA A 225 7.86 -14.53 3.76
N GLU A 226 7.08 -13.46 3.56
CA GLU A 226 6.34 -13.27 2.32
C GLU A 226 7.12 -12.36 1.39
N ILE A 227 7.22 -12.76 0.13
CA ILE A 227 7.92 -11.99 -0.88
C ILE A 227 6.93 -11.16 -1.68
N PHE A 228 7.16 -9.85 -1.70
CA PHE A 228 6.34 -8.88 -2.43
C PHE A 228 7.07 -8.44 -3.70
N GLY A 229 6.35 -8.35 -4.81
CA GLY A 229 6.96 -7.92 -6.05
C GLY A 229 5.90 -7.65 -7.08
N PRO A 230 6.19 -6.85 -8.13
CA PRO A 230 7.48 -6.19 -8.40
C PRO A 230 7.54 -4.73 -7.91
N ALA A 231 6.52 -4.30 -7.17
CA ALA A 231 6.47 -2.93 -6.67
C ALA A 231 6.53 -1.96 -7.84
N LEU A 232 5.71 -2.22 -8.86
CA LEU A 232 5.66 -1.38 -10.06
C LEU A 232 5.12 0.02 -9.77
N TYR A 233 5.75 1.03 -10.36
CA TYR A 233 5.38 2.42 -10.14
C TYR A 233 4.00 2.85 -10.62
N GLY A 234 3.57 2.34 -11.76
CA GLY A 234 2.27 2.73 -12.30
C GLY A 234 1.86 1.89 -13.50
N PHE A 235 0.73 2.25 -14.10
CA PHE A 235 0.20 1.50 -15.21
C PHE A 235 1.14 1.11 -16.36
N ALA A 236 1.96 2.04 -16.85
CA ALA A 236 2.87 1.72 -17.95
C ALA A 236 3.75 0.53 -17.58
N ALA A 237 4.15 0.45 -16.32
CA ALA A 237 4.99 -0.67 -15.86
C ALA A 237 4.15 -1.93 -15.77
N TYR A 238 2.88 -1.78 -15.39
CA TYR A 238 1.96 -2.91 -15.29
C TYR A 238 1.81 -3.56 -16.66
N GLU A 239 1.67 -2.72 -17.69
CA GLU A 239 1.44 -3.22 -19.03
C GLU A 239 2.64 -3.71 -19.81
N THR A 240 3.72 -2.95 -19.84
CA THR A 240 4.89 -3.33 -20.62
C THR A 240 6.20 -3.16 -19.87
N LEU A 241 6.14 -3.05 -18.55
CA LEU A 241 7.34 -2.83 -17.75
C LEU A 241 8.07 -1.63 -18.36
N GLN A 242 7.31 -0.58 -18.63
CA GLN A 242 7.82 0.65 -19.21
C GLN A 242 8.57 0.41 -20.51
N SER A 243 7.92 -0.27 -21.44
CA SER A 243 8.52 -0.59 -22.74
C SER A 243 9.86 -1.31 -22.57
N ALA A 244 9.89 -2.33 -21.72
CA ALA A 244 11.11 -3.10 -21.49
C ALA A 244 11.74 -3.54 -22.81
N PRO A 245 13.07 -3.41 -22.94
CA PRO A 245 13.79 -3.78 -24.15
C PRO A 245 13.45 -5.12 -24.75
N ASP A 246 13.13 -6.09 -23.90
CA ASP A 246 12.82 -7.43 -24.39
C ASP A 246 11.34 -7.81 -24.36
N TRP A 247 10.47 -6.83 -24.09
CA TRP A 247 9.04 -7.13 -24.02
C TRP A 247 8.45 -7.63 -25.34
N GLY A 248 9.02 -7.20 -26.46
CA GLY A 248 8.52 -7.63 -27.75
C GLY A 248 8.60 -9.14 -27.91
N THR A 249 9.57 -9.76 -27.25
CA THR A 249 9.75 -11.20 -27.33
C THR A 249 9.18 -11.91 -26.09
N GLU A 250 9.60 -11.46 -24.92
CA GLU A 250 9.12 -12.05 -23.68
C GLU A 250 7.60 -11.96 -23.51
N GLY A 251 7.02 -10.86 -23.99
CA GLY A 251 5.59 -10.67 -23.84
C GLY A 251 4.68 -11.34 -24.85
N GLU A 252 5.23 -12.08 -25.80
CA GLU A 252 4.40 -12.73 -26.79
C GLU A 252 3.35 -13.63 -26.12
N GLY A 253 2.08 -13.38 -26.43
CA GLY A 253 1.02 -14.18 -25.85
C GLY A 253 0.47 -13.68 -24.53
N TYR A 254 1.04 -12.61 -24.00
CA TYR A 254 0.59 -12.06 -22.72
C TYR A 254 -0.13 -10.73 -22.91
N ARG A 255 -1.28 -10.57 -22.26
CA ARG A 255 -2.08 -9.35 -22.36
C ARG A 255 -1.32 -8.16 -21.78
N TRP A 256 -0.58 -8.39 -20.71
CA TRP A 256 0.22 -7.34 -20.10
C TRP A 256 1.31 -7.93 -19.22
N PHE A 257 2.31 -7.13 -18.89
CA PHE A 257 3.42 -7.62 -18.08
C PHE A 257 2.94 -8.29 -16.80
N ILE A 258 1.85 -7.79 -16.22
CA ILE A 258 1.32 -8.38 -14.99
C ILE A 258 1.18 -9.90 -15.14
N ASP A 259 0.57 -10.34 -16.23
CA ASP A 259 0.36 -11.77 -16.46
C ASP A 259 1.67 -12.53 -16.62
N TYR A 260 2.64 -11.90 -17.28
CA TYR A 260 3.95 -12.49 -17.50
C TYR A 260 4.66 -12.70 -16.18
N TYR A 261 4.60 -11.70 -15.32
CA TYR A 261 5.24 -11.76 -14.02
C TYR A 261 4.66 -12.89 -13.19
N LEU A 262 3.33 -12.93 -13.10
CA LEU A 262 2.66 -13.97 -12.33
C LEU A 262 2.96 -15.35 -12.89
N ASP A 263 2.83 -15.49 -14.20
CA ASP A 263 3.08 -16.78 -14.84
C ASP A 263 4.51 -17.29 -14.64
N LYS A 264 5.49 -16.41 -14.84
CA LYS A 264 6.88 -16.81 -14.69
C LYS A 264 7.26 -17.09 -13.24
N MET A 265 6.69 -16.32 -12.30
CA MET A 265 6.98 -16.57 -10.90
C MET A 265 6.36 -17.90 -10.46
N LYS A 266 5.18 -18.22 -11.00
CA LYS A 266 4.55 -19.48 -10.66
C LYS A 266 5.35 -20.63 -11.25
N LYS A 267 5.85 -20.42 -12.47
CA LYS A 267 6.64 -21.43 -13.16
C LYS A 267 7.88 -21.76 -12.32
N ALA A 268 8.57 -20.73 -11.86
CA ALA A 268 9.76 -20.91 -11.04
C ALA A 268 9.43 -21.58 -9.71
N SER A 269 8.29 -21.19 -9.12
CA SER A 269 7.87 -21.78 -7.85
C SER A 269 7.60 -23.26 -8.06
N ASP A 270 6.95 -23.60 -9.17
CA ASP A 270 6.64 -24.99 -9.46
C ASP A 270 7.90 -25.83 -9.66
N GLU A 271 8.93 -25.24 -10.25
CA GLU A 271 10.17 -25.96 -10.48
C GLU A 271 10.96 -26.08 -9.19
N GLU A 272 10.89 -25.05 -8.36
CA GLU A 272 11.60 -25.01 -7.09
C GLU A 272 10.94 -25.89 -6.03
N GLY A 273 9.62 -25.94 -6.03
CA GLY A 273 8.93 -26.75 -5.05
C GLY A 273 8.25 -25.97 -3.94
N LYS A 274 8.20 -24.65 -4.08
CA LYS A 274 7.55 -23.81 -3.08
C LYS A 274 7.21 -22.43 -3.64
N ARG A 275 6.26 -21.76 -3.01
CA ARG A 275 5.84 -20.43 -3.47
C ARG A 275 6.96 -19.42 -3.33
N LEU A 276 7.30 -18.76 -4.43
CA LEU A 276 8.35 -17.76 -4.43
C LEU A 276 7.79 -16.34 -4.49
N LEU A 277 6.52 -16.21 -4.88
CA LEU A 277 5.85 -14.90 -4.92
C LEU A 277 4.62 -15.03 -4.04
N ASP A 278 4.59 -14.27 -2.97
CA ASP A 278 3.45 -14.31 -2.06
C ASP A 278 2.46 -13.19 -2.34
N VAL A 279 2.97 -12.02 -2.65
CA VAL A 279 2.12 -10.87 -2.90
C VAL A 279 2.47 -10.07 -4.14
N LEU A 280 1.49 -9.91 -5.03
CA LEU A 280 1.68 -9.10 -6.24
C LEU A 280 1.63 -7.68 -5.67
N ASP A 281 2.73 -6.94 -5.85
CA ASP A 281 2.87 -5.60 -5.29
C ASP A 281 2.95 -4.49 -6.36
N VAL A 282 2.02 -3.55 -6.32
CA VAL A 282 2.04 -2.44 -7.28
C VAL A 282 1.74 -1.11 -6.59
N HIS A 283 2.18 -0.01 -7.22
CA HIS A 283 1.93 1.32 -6.70
C HIS A 283 0.85 1.93 -7.59
N TRP A 284 -0.08 2.66 -6.98
CA TRP A 284 -1.16 3.29 -7.72
C TRP A 284 -1.39 4.74 -7.32
N TYR A 285 -0.86 5.65 -8.12
CA TYR A 285 -1.06 7.07 -7.91
C TYR A 285 -2.05 7.42 -8.99
N PRO A 286 -3.29 7.77 -8.60
CA PRO A 286 -4.36 8.12 -9.54
C PRO A 286 -3.95 9.14 -10.61
N GLU A 287 -4.30 8.83 -11.86
CA GLU A 287 -4.02 9.72 -12.97
C GLU A 287 -5.29 10.54 -13.23
N ALA A 288 -6.36 10.22 -12.49
CA ALA A 288 -7.63 10.91 -12.63
C ALA A 288 -7.43 12.43 -12.58
N ARG A 289 -8.12 13.15 -13.47
CA ARG A 289 -8.02 14.60 -13.53
C ARG A 289 -9.37 15.29 -13.37
N GLY A 290 -9.32 16.54 -12.94
CA GLY A 290 -10.52 17.33 -12.75
C GLY A 290 -10.12 18.78 -12.62
N GLY A 291 -10.90 19.68 -13.21
CA GLY A 291 -10.56 21.09 -13.14
C GLY A 291 -9.24 21.41 -13.79
N GLY A 292 -8.86 20.59 -14.78
CA GLY A 292 -7.62 20.80 -15.51
C GLY A 292 -6.34 20.33 -14.86
N GLU A 293 -6.44 19.51 -13.82
CA GLU A 293 -5.24 19.03 -13.15
C GLU A 293 -5.42 17.63 -12.57
N ARG A 294 -4.30 16.97 -12.28
CA ARG A 294 -4.32 15.63 -11.70
C ARG A 294 -4.78 15.79 -10.24
N ILE A 295 -5.51 14.82 -9.70
CA ILE A 295 -5.99 14.93 -8.33
C ILE A 295 -4.91 14.82 -7.25
N CYS A 296 -3.75 14.27 -7.61
CA CYS A 296 -2.64 14.17 -6.67
C CYS A 296 -1.44 14.88 -7.28
N PHE A 297 -0.37 15.00 -6.51
CA PHE A 297 0.86 15.66 -6.97
C PHE A 297 0.71 17.15 -7.25
N GLY A 298 0.67 17.95 -6.20
CA GLY A 298 0.55 19.39 -6.37
C GLY A 298 -0.82 19.87 -6.82
N ALA A 299 -1.86 19.14 -6.45
CA ALA A 299 -3.23 19.52 -6.81
C ALA A 299 -3.65 20.72 -5.95
N ASP A 300 -4.41 21.63 -6.55
CA ASP A 300 -4.88 22.81 -5.83
C ASP A 300 -6.23 22.58 -5.13
N PRO A 301 -6.24 22.62 -3.78
CA PRO A 301 -7.45 22.40 -2.99
C PRO A 301 -8.57 23.43 -3.21
N ARG A 302 -8.25 24.53 -3.89
CA ARG A 302 -9.26 25.55 -4.17
C ARG A 302 -10.05 25.17 -5.41
N ASN A 303 -9.49 24.29 -6.23
CA ASN A 303 -10.15 23.85 -7.47
C ASN A 303 -11.26 22.87 -7.14
N ILE A 304 -12.50 23.35 -7.17
CA ILE A 304 -13.66 22.51 -6.85
C ILE A 304 -13.83 21.33 -7.79
N GLU A 305 -13.56 21.52 -9.07
CA GLU A 305 -13.69 20.44 -10.04
C GLU A 305 -12.69 19.33 -9.75
N THR A 306 -11.48 19.70 -9.34
CA THR A 306 -10.47 18.72 -9.00
C THR A 306 -10.94 17.94 -7.77
N ASN A 307 -11.46 18.67 -6.77
CA ASN A 307 -11.94 18.03 -5.55
C ASN A 307 -13.06 17.05 -5.84
N LYS A 308 -13.98 17.42 -6.73
CA LYS A 308 -15.08 16.53 -7.09
C LYS A 308 -14.55 15.32 -7.84
N ALA A 309 -13.54 15.51 -8.68
CA ALA A 309 -12.98 14.39 -9.42
C ALA A 309 -12.28 13.45 -8.42
N ARG A 310 -11.70 14.03 -7.38
CA ARG A 310 -11.01 13.24 -6.35
C ARG A 310 -12.01 12.32 -5.66
N LEU A 311 -13.21 12.84 -5.38
CA LEU A 311 -14.24 12.05 -4.71
C LEU A 311 -14.68 10.82 -5.51
N GLN A 312 -14.67 10.94 -6.84
CA GLN A 312 -15.09 9.83 -7.71
C GLN A 312 -13.96 8.89 -8.14
N ALA A 313 -12.73 9.38 -8.15
CA ALA A 313 -11.59 8.58 -8.58
C ALA A 313 -11.48 7.16 -8.01
N PRO A 314 -11.84 6.97 -6.72
CA PRO A 314 -11.75 5.62 -6.16
C PRO A 314 -12.54 4.57 -6.96
N ARG A 315 -13.56 5.01 -7.67
CA ARG A 315 -14.39 4.09 -8.46
C ARG A 315 -13.62 3.40 -9.57
N THR A 316 -12.51 4.00 -10.00
CA THR A 316 -11.70 3.36 -11.05
C THR A 316 -11.11 2.05 -10.53
N LEU A 317 -11.05 1.93 -9.21
CA LEU A 317 -10.52 0.73 -8.57
C LEU A 317 -11.45 -0.48 -8.68
N TRP A 318 -12.76 -0.25 -8.76
CA TRP A 318 -13.73 -1.36 -8.77
C TRP A 318 -14.95 -1.26 -9.68
N ASP A 319 -15.38 -0.03 -9.96
CA ASP A 319 -16.61 0.22 -10.74
C ASP A 319 -16.46 0.20 -12.25
N PRO A 320 -17.02 -0.83 -12.90
CA PRO A 320 -16.93 -0.96 -14.36
C PRO A 320 -17.65 0.14 -15.14
N THR A 321 -18.58 0.83 -14.49
CA THR A 321 -19.33 1.90 -15.16
C THR A 321 -18.63 3.25 -15.08
N TYR A 322 -17.55 3.33 -14.30
CA TYR A 322 -16.87 4.61 -14.15
C TYR A 322 -15.61 4.77 -15.01
N ILE A 323 -15.60 5.82 -15.83
CA ILE A 323 -14.47 6.13 -16.70
C ILE A 323 -13.93 7.50 -16.28
N GLU A 324 -12.74 7.50 -15.68
CA GLU A 324 -12.11 8.73 -15.24
C GLU A 324 -11.53 9.51 -16.41
N ASP A 325 -11.18 10.76 -16.14
CA ASP A 325 -10.59 11.62 -17.15
C ASP A 325 -9.07 11.52 -17.00
N SER A 326 -8.47 10.62 -17.78
CA SER A 326 -7.03 10.40 -17.75
C SER A 326 -6.66 9.57 -18.96
N TRP A 327 -5.36 9.45 -19.24
CA TRP A 327 -4.93 8.65 -20.38
C TRP A 327 -5.29 7.20 -20.16
N ILE A 328 -5.35 6.79 -18.89
CA ILE A 328 -5.70 5.41 -18.57
C ILE A 328 -7.19 5.18 -18.85
N GLY A 329 -8.04 6.09 -18.40
CA GLY A 329 -9.47 5.95 -18.63
C GLY A 329 -9.82 6.01 -20.11
N GLN A 330 -9.04 6.77 -20.87
CA GLN A 330 -9.28 6.91 -22.30
C GLN A 330 -8.75 5.78 -23.17
N TRP A 331 -7.50 5.38 -22.95
CA TRP A 331 -6.89 4.34 -23.77
C TRP A 331 -6.77 2.95 -23.19
N LYS A 332 -7.00 2.78 -21.90
CA LYS A 332 -6.83 1.46 -21.30
C LYS A 332 -8.08 0.90 -20.62
N LYS A 333 -9.25 1.12 -21.22
CA LYS A 333 -10.50 0.63 -20.66
C LYS A 333 -10.48 -0.88 -20.48
N ASP A 334 -9.76 -1.57 -21.36
CA ASP A 334 -9.67 -3.03 -21.29
C ASP A 334 -9.01 -3.51 -20.00
N PHE A 335 -8.39 -2.59 -19.27
CA PHE A 335 -7.72 -2.93 -18.02
C PHE A 335 -8.39 -2.30 -16.79
N LEU A 336 -9.60 -1.79 -16.98
CA LEU A 336 -10.35 -1.17 -15.88
C LEU A 336 -11.68 -1.91 -15.67
N PRO A 337 -12.19 -1.93 -14.42
CA PRO A 337 -11.62 -1.35 -13.19
C PRO A 337 -10.31 -2.05 -12.81
N ILE A 338 -9.36 -1.30 -12.28
CA ILE A 338 -8.06 -1.89 -11.99
C ILE A 338 -7.95 -3.08 -11.03
N LEU A 339 -8.55 -3.01 -9.85
CA LEU A 339 -8.44 -4.13 -8.91
C LEU A 339 -8.98 -5.44 -9.47
N PRO A 340 -10.19 -5.43 -10.06
CA PRO A 340 -10.71 -6.69 -10.60
C PRO A 340 -9.81 -7.27 -11.69
N ASN A 341 -9.18 -6.40 -12.47
CA ASN A 341 -8.29 -6.88 -13.52
C ASN A 341 -7.02 -7.49 -12.94
N LEU A 342 -6.49 -6.89 -11.88
CA LEU A 342 -5.29 -7.43 -11.25
C LEU A 342 -5.64 -8.78 -10.60
N LEU A 343 -6.78 -8.85 -9.93
CA LEU A 343 -7.22 -10.08 -9.26
C LEU A 343 -7.55 -11.17 -10.27
N ASP A 344 -8.11 -10.77 -11.42
CA ASP A 344 -8.44 -11.70 -12.50
C ASP A 344 -7.15 -12.32 -13.02
N SER A 345 -6.11 -11.51 -13.16
CA SER A 345 -4.83 -12.02 -13.65
C SER A 345 -4.26 -13.01 -12.66
N ILE A 346 -4.39 -12.73 -11.37
CA ILE A 346 -3.90 -13.62 -10.34
C ILE A 346 -4.61 -14.98 -10.46
N GLU A 347 -5.93 -14.95 -10.52
CA GLU A 347 -6.70 -16.18 -10.62
C GLU A 347 -6.29 -16.99 -11.85
N LYS A 348 -5.96 -16.29 -12.93
CA LYS A 348 -5.57 -16.96 -14.16
C LYS A 348 -4.13 -17.47 -14.22
N TYR A 349 -3.18 -16.69 -13.72
CA TYR A 349 -1.78 -17.11 -13.80
C TYR A 349 -1.05 -17.54 -12.53
N TYR A 350 -1.60 -17.23 -11.37
CA TYR A 350 -0.97 -17.65 -10.12
C TYR A 350 -1.95 -17.54 -8.95
N PRO A 351 -2.94 -18.45 -8.93
CA PRO A 351 -3.97 -18.50 -7.89
C PRO A 351 -3.34 -18.58 -6.50
N GLY A 352 -3.96 -17.92 -5.53
CA GLY A 352 -3.44 -17.95 -4.17
C GLY A 352 -2.51 -16.78 -3.88
N THR A 353 -2.10 -16.08 -4.93
CA THR A 353 -1.23 -14.92 -4.76
C THR A 353 -2.06 -13.77 -4.22
N LYS A 354 -1.49 -13.05 -3.25
CA LYS A 354 -2.18 -11.93 -2.63
C LYS A 354 -1.90 -10.66 -3.41
N LEU A 355 -2.64 -9.60 -3.09
CA LEU A 355 -2.48 -8.32 -3.78
C LEU A 355 -2.27 -7.18 -2.80
N ALA A 356 -1.27 -6.35 -3.05
CA ALA A 356 -0.97 -5.22 -2.18
C ALA A 356 -0.71 -3.95 -2.99
N ILE A 357 -1.14 -2.82 -2.45
CA ILE A 357 -0.92 -1.51 -3.07
C ILE A 357 -0.01 -0.84 -2.05
N THR A 358 1.30 -1.00 -2.25
CA THR A 358 2.28 -0.47 -1.32
C THR A 358 2.57 1.02 -1.38
N GLU A 359 1.98 1.70 -2.36
CA GLU A 359 2.11 3.15 -2.48
C GLU A 359 0.90 3.69 -3.21
N TYR A 360 0.29 4.72 -2.65
CA TYR A 360 -0.86 5.36 -3.27
C TYR A 360 -1.10 6.68 -2.55
N ASP A 361 -1.82 7.58 -3.21
CA ASP A 361 -2.14 8.89 -2.65
C ASP A 361 -3.18 9.54 -3.56
N TYR A 362 -4.35 9.82 -3.00
CA TYR A 362 -5.42 10.42 -3.78
C TYR A 362 -5.42 11.94 -3.70
N GLY A 363 -4.38 12.50 -3.07
CA GLY A 363 -4.25 13.95 -2.97
C GLY A 363 -5.21 14.63 -2.01
N GLY A 364 -5.20 15.96 -2.02
CA GLY A 364 -6.06 16.71 -1.14
C GLY A 364 -5.96 16.28 0.31
N GLY A 365 -4.79 15.78 0.69
CA GLY A 365 -4.57 15.30 2.04
C GLY A 365 -4.98 16.22 3.17
N ASN A 366 -4.93 17.52 2.94
CA ASN A 366 -5.31 18.50 3.96
C ASN A 366 -6.69 19.09 3.63
N HIS A 367 -7.46 18.37 2.83
CA HIS A 367 -8.79 18.81 2.44
C HIS A 367 -9.80 17.70 2.70
N ILE A 368 -11.05 18.10 3.01
CA ILE A 368 -12.09 17.12 3.29
C ILE A 368 -12.21 16.03 2.20
N THR A 369 -12.08 16.41 0.94
CA THR A 369 -12.20 15.41 -0.14
C THR A 369 -11.06 14.39 -0.13
N GLY A 370 -9.92 14.78 0.43
CA GLY A 370 -8.80 13.86 0.52
C GLY A 370 -9.12 12.83 1.61
N GLY A 371 -9.91 13.25 2.59
CA GLY A 371 -10.27 12.36 3.68
C GLY A 371 -11.36 11.41 3.27
N ILE A 372 -12.35 11.91 2.54
CA ILE A 372 -13.44 11.08 2.09
C ILE A 372 -12.92 10.05 1.07
N ALA A 373 -12.05 10.49 0.15
CA ALA A 373 -11.50 9.57 -0.84
C ALA A 373 -10.67 8.48 -0.15
N GLN A 374 -9.89 8.88 0.86
CA GLN A 374 -9.07 7.93 1.61
C GLN A 374 -9.95 6.88 2.28
N ALA A 375 -11.01 7.33 2.95
CA ALA A 375 -11.93 6.41 3.62
C ALA A 375 -12.62 5.50 2.60
N ASP A 376 -12.87 6.04 1.41
CA ASP A 376 -13.51 5.29 0.34
C ASP A 376 -12.56 4.17 -0.15
N VAL A 377 -11.32 4.57 -0.41
CA VAL A 377 -10.29 3.64 -0.88
C VAL A 377 -10.09 2.47 0.09
N LEU A 378 -10.07 2.77 1.39
CA LEU A 378 -9.87 1.75 2.40
C LEU A 378 -11.06 0.80 2.44
N GLY A 379 -12.25 1.34 2.23
CA GLY A 379 -13.44 0.51 2.22
C GLY A 379 -13.35 -0.43 1.03
N ILE A 380 -12.88 0.10 -0.09
CA ILE A 380 -12.72 -0.68 -1.32
C ILE A 380 -11.67 -1.78 -1.14
N PHE A 381 -10.52 -1.43 -0.57
CA PHE A 381 -9.46 -2.42 -0.35
C PHE A 381 -10.01 -3.57 0.49
N GLY A 382 -10.78 -3.23 1.51
CA GLY A 382 -11.35 -4.23 2.39
C GLY A 382 -12.39 -5.10 1.71
N LYS A 383 -13.28 -4.46 0.96
CA LYS A 383 -14.35 -5.17 0.28
C LYS A 383 -13.87 -6.09 -0.85
N TYR A 384 -12.87 -5.65 -1.61
CA TYR A 384 -12.39 -6.45 -2.73
C TYR A 384 -11.22 -7.40 -2.51
N GLY A 385 -10.80 -7.56 -1.27
CA GLY A 385 -9.74 -8.51 -0.99
C GLY A 385 -8.27 -8.10 -1.03
N VAL A 386 -7.98 -6.81 -1.02
CA VAL A 386 -6.58 -6.39 -1.02
C VAL A 386 -5.98 -6.86 0.30
N TYR A 387 -4.76 -7.39 0.25
CA TYR A 387 -4.07 -7.91 1.42
C TYR A 387 -3.34 -6.89 2.29
N LEU A 388 -2.61 -5.99 1.65
CA LEU A 388 -1.86 -4.97 2.37
C LEU A 388 -1.85 -3.67 1.57
N ALA A 389 -1.85 -2.55 2.27
CA ALA A 389 -1.82 -1.26 1.61
C ALA A 389 -1.08 -0.27 2.49
N THR A 390 -0.26 0.57 1.86
CA THR A 390 0.52 1.55 2.60
C THR A 390 0.52 2.89 1.87
N PHE A 391 -0.13 3.87 2.48
CA PHE A 391 -0.23 5.22 1.92
C PHE A 391 1.15 5.87 1.88
N TRP A 392 1.41 6.68 0.85
CA TRP A 392 2.68 7.38 0.73
C TRP A 392 2.38 8.87 0.88
N GLY A 393 2.88 9.45 1.97
CA GLY A 393 2.66 10.86 2.24
C GLY A 393 2.98 11.13 3.71
N ASP A 394 3.32 12.38 4.03
CA ASP A 394 3.69 12.71 5.41
C ASP A 394 2.52 13.10 6.32
N ALA A 395 2.86 13.43 7.56
CA ALA A 395 1.87 13.79 8.58
C ALA A 395 1.08 15.07 8.35
N SER A 396 1.39 15.81 7.29
CA SER A 396 0.65 17.05 7.03
C SER A 396 -0.69 16.76 6.38
N ASN A 397 -0.91 15.52 5.98
CA ASN A 397 -2.17 15.13 5.35
C ASN A 397 -3.15 14.76 6.45
N ASN A 398 -3.58 15.77 7.20
CA ASN A 398 -4.49 15.56 8.32
C ASN A 398 -5.80 14.87 7.97
N TYR A 399 -6.38 15.19 6.81
CA TYR A 399 -7.63 14.56 6.42
C TYR A 399 -7.40 13.13 5.96
N THR A 400 -6.25 12.85 5.35
CA THR A 400 -5.94 11.49 4.93
C THR A 400 -5.86 10.66 6.21
N GLU A 401 -5.19 11.21 7.22
CA GLU A 401 -5.04 10.52 8.50
C GLU A 401 -6.40 10.28 9.16
N ALA A 402 -7.33 11.23 8.98
CA ALA A 402 -8.66 11.06 9.57
C ALA A 402 -9.34 9.87 8.90
N GLY A 403 -9.19 9.78 7.58
CA GLY A 403 -9.77 8.68 6.83
C GLY A 403 -9.26 7.33 7.32
N ILE A 404 -7.98 7.29 7.70
CA ILE A 404 -7.39 6.06 8.22
C ILE A 404 -7.92 5.76 9.63
N ASN A 405 -7.88 6.75 10.50
CA ASN A 405 -8.36 6.57 11.88
C ASN A 405 -9.86 6.21 11.95
N LEU A 406 -10.61 6.59 10.92
CA LEU A 406 -12.04 6.28 10.91
C LEU A 406 -12.21 4.76 10.94
N TYR A 407 -11.21 4.06 10.40
CA TYR A 407 -11.21 2.61 10.35
C TYR A 407 -10.42 1.96 11.49
N THR A 408 -9.26 2.55 11.81
CA THR A 408 -8.37 1.98 12.81
C THR A 408 -8.46 2.45 14.27
N ASN A 409 -9.03 3.62 14.51
CA ASN A 409 -9.14 4.15 15.87
C ASN A 409 -10.11 5.33 15.85
N TYR A 410 -11.37 5.05 15.55
CA TYR A 410 -12.38 6.10 15.44
C TYR A 410 -12.80 6.80 16.72
N ASP A 411 -12.65 6.15 17.86
CA ASP A 411 -13.05 6.76 19.14
C ASP A 411 -11.85 7.24 19.96
N GLY A 412 -10.66 7.09 19.42
CA GLY A 412 -9.47 7.53 20.11
C GLY A 412 -8.99 6.57 21.18
N LYS A 413 -9.65 5.42 21.30
CA LYS A 413 -9.25 4.44 22.30
C LYS A 413 -9.17 3.01 21.76
N GLY A 414 -8.90 2.88 20.47
CA GLY A 414 -8.77 1.57 19.87
C GLY A 414 -9.95 1.06 19.07
N GLY A 415 -11.08 1.75 19.15
CA GLY A 415 -12.25 1.32 18.40
C GLY A 415 -11.92 1.24 16.92
N LYS A 416 -12.31 0.14 16.28
CA LYS A 416 -12.01 -0.02 14.86
C LYS A 416 -13.13 -0.71 14.09
N PHE A 417 -13.07 -0.59 12.77
CA PHE A 417 -14.03 -1.19 11.86
C PHE A 417 -13.95 -2.71 12.03
N GLY A 418 -15.04 -3.41 11.75
CA GLY A 418 -15.02 -4.86 11.88
C GLY A 418 -14.02 -5.48 10.93
N ASP A 419 -13.64 -6.73 11.17
CA ASP A 419 -12.69 -7.42 10.31
C ASP A 419 -13.34 -8.39 9.33
N THR A 420 -14.67 -8.41 9.31
CA THR A 420 -15.39 -9.26 8.37
C THR A 420 -16.39 -8.42 7.56
N SER A 421 -16.13 -8.29 6.27
CA SER A 421 -16.99 -7.51 5.38
C SER A 421 -18.31 -8.22 5.11
N VAL A 422 -19.40 -7.46 5.05
CA VAL A 422 -20.71 -8.03 4.75
C VAL A 422 -21.38 -7.19 3.65
N LYS A 423 -22.40 -7.78 3.03
CA LYS A 423 -23.12 -7.12 1.95
C LYS A 423 -23.73 -5.79 2.40
N CYS A 424 -23.38 -4.75 1.66
CA CYS A 424 -23.86 -3.41 1.93
C CYS A 424 -23.95 -2.67 0.58
N GLU A 425 -25.17 -2.45 0.10
CA GLU A 425 -25.39 -1.80 -1.18
C GLU A 425 -26.04 -0.42 -1.05
N THR A 426 -25.65 0.50 -1.93
CA THR A 426 -26.21 1.83 -1.94
C THR A 426 -26.92 2.03 -3.28
N SER A 427 -27.98 2.83 -3.27
CA SER A 427 -28.74 3.08 -4.50
C SER A 427 -28.12 4.19 -5.36
N ASP A 428 -27.10 4.88 -4.84
CA ASP A 428 -26.44 5.95 -5.59
C ASP A 428 -24.94 5.94 -5.28
N ILE A 429 -24.16 5.25 -6.13
CA ILE A 429 -22.72 5.15 -5.92
C ILE A 429 -21.96 6.42 -6.27
N GLU A 430 -22.63 7.38 -6.88
CA GLU A 430 -21.97 8.63 -7.24
C GLU A 430 -21.95 9.62 -6.08
N VAL A 431 -23.09 9.75 -5.40
CA VAL A 431 -23.20 10.68 -4.28
C VAL A 431 -22.82 10.05 -2.94
N SER A 432 -22.64 8.74 -2.91
CA SER A 432 -22.30 8.09 -1.65
C SER A 432 -21.53 6.79 -1.80
N SER A 433 -21.00 6.34 -0.66
CA SER A 433 -20.29 5.08 -0.56
C SER A 433 -20.64 4.58 0.83
N ALA A 434 -20.74 3.27 0.98
CA ALA A 434 -21.05 2.67 2.27
C ALA A 434 -20.42 1.29 2.36
N TYR A 435 -19.80 1.00 3.50
CA TYR A 435 -19.14 -0.28 3.73
C TYR A 435 -19.57 -0.79 5.09
N ALA A 436 -19.93 -2.07 5.16
CA ALA A 436 -20.35 -2.65 6.44
C ALA A 436 -19.48 -3.83 6.84
N SER A 437 -19.43 -4.10 8.13
CA SER A 437 -18.64 -5.21 8.63
C SER A 437 -19.05 -5.61 10.04
N ILE A 438 -18.66 -6.82 10.43
CA ILE A 438 -18.94 -7.34 11.75
C ILE A 438 -17.61 -7.85 12.27
N VAL A 439 -17.57 -8.34 13.50
CA VAL A 439 -16.33 -8.84 14.08
C VAL A 439 -16.35 -10.38 14.08
N GLY A 440 -15.38 -10.98 13.38
CA GLY A 440 -15.33 -12.43 13.31
C GLY A 440 -16.56 -12.95 12.60
N GLU A 441 -17.32 -13.83 13.26
CA GLU A 441 -18.53 -14.39 12.65
C GLU A 441 -19.75 -13.86 13.40
N ASP A 442 -19.53 -12.92 14.30
CA ASP A 442 -20.60 -12.37 15.14
C ASP A 442 -21.12 -11.00 14.70
N ASP A 443 -22.41 -10.91 14.40
CA ASP A 443 -23.00 -9.65 13.98
C ASP A 443 -23.69 -8.86 15.09
N SER A 444 -23.30 -9.12 16.34
CA SER A 444 -23.88 -8.41 17.48
C SER A 444 -23.66 -6.91 17.30
N LYS A 445 -22.47 -6.55 16.80
CA LYS A 445 -22.15 -5.16 16.55
C LYS A 445 -21.91 -5.03 15.06
N LEU A 446 -22.69 -4.16 14.41
CA LEU A 446 -22.57 -3.93 12.98
C LEU A 446 -21.94 -2.57 12.74
N HIS A 447 -20.79 -2.59 12.07
CA HIS A 447 -20.04 -1.37 11.75
C HIS A 447 -20.37 -0.91 10.34
N ILE A 448 -20.57 0.40 10.19
CA ILE A 448 -20.90 0.96 8.89
C ILE A 448 -20.13 2.25 8.59
N ILE A 449 -19.38 2.24 7.49
CA ILE A 449 -18.66 3.44 7.07
C ILE A 449 -19.62 4.06 6.05
N LEU A 450 -20.10 5.27 6.34
CA LEU A 450 -21.03 5.96 5.45
C LEU A 450 -20.43 7.27 4.98
N LEU A 451 -20.23 7.39 3.66
CA LEU A 451 -19.64 8.59 3.09
C LEU A 451 -20.59 9.36 2.18
N ASN A 452 -20.79 10.63 2.49
CA ASN A 452 -21.66 11.46 1.67
C ASN A 452 -20.77 12.35 0.81
N LYS A 453 -20.73 12.06 -0.48
CA LYS A 453 -19.90 12.80 -1.43
C LYS A 453 -20.62 14.02 -1.99
N ASN A 454 -21.85 14.26 -1.55
CA ASN A 454 -22.61 15.41 -2.02
C ASN A 454 -21.83 16.66 -1.60
N TYR A 455 -21.42 17.47 -2.57
CA TYR A 455 -20.60 18.65 -2.26
C TYR A 455 -21.21 19.78 -1.43
N ASP A 456 -22.43 20.19 -1.75
CA ASP A 456 -23.03 21.29 -1.01
C ASP A 456 -24.45 21.03 -0.52
N GLN A 457 -24.81 19.77 -0.37
CA GLN A 457 -26.14 19.45 0.10
C GLN A 457 -26.12 18.20 0.97
N PRO A 458 -27.01 18.15 1.97
CA PRO A 458 -27.02 16.96 2.81
C PRO A 458 -27.68 15.82 2.03
N THR A 459 -27.50 14.59 2.50
CA THR A 459 -28.09 13.44 1.84
C THR A 459 -28.81 12.62 2.89
N THR A 460 -30.05 12.26 2.60
CA THR A 460 -30.84 11.46 3.53
C THR A 460 -30.70 9.98 3.15
N PHE A 461 -30.31 9.17 4.11
CA PHE A 461 -30.12 7.75 3.88
C PHE A 461 -31.15 6.91 4.60
N ASN A 462 -31.82 6.06 3.84
CA ASN A 462 -32.81 5.15 4.42
C ASN A 462 -32.16 3.79 4.49
N PHE A 463 -31.90 3.33 5.71
CA PHE A 463 -31.27 2.03 5.94
C PHE A 463 -32.27 0.91 6.15
N SER A 464 -31.97 -0.23 5.56
CA SER A 464 -32.76 -1.45 5.70
C SER A 464 -31.71 -2.52 5.92
N ILE A 465 -31.73 -3.15 7.09
CA ILE A 465 -30.75 -4.17 7.43
C ILE A 465 -31.34 -5.52 7.79
N ASP A 466 -30.74 -6.58 7.26
CA ASP A 466 -31.16 -7.94 7.56
C ASP A 466 -30.06 -8.52 8.44
N SER A 467 -30.41 -8.87 9.67
CA SER A 467 -29.46 -9.42 10.63
C SER A 467 -30.16 -10.37 11.57
N SER A 468 -29.38 -11.20 12.27
CA SER A 468 -29.96 -12.13 13.22
C SER A 468 -30.27 -11.38 14.50
N LYS A 469 -29.71 -10.18 14.63
CA LYS A 469 -29.93 -9.34 15.81
C LYS A 469 -30.83 -8.16 15.48
N ASN A 470 -31.45 -7.61 16.52
CA ASN A 470 -32.32 -6.45 16.37
C ASN A 470 -31.63 -5.24 16.99
N TYR A 471 -31.04 -4.41 16.14
CA TYR A 471 -30.32 -3.23 16.58
C TYR A 471 -31.21 -2.16 17.21
N THR A 472 -30.78 -1.62 18.34
CA THR A 472 -31.53 -0.61 19.06
C THR A 472 -30.80 0.72 19.20
N ILE A 473 -29.52 0.75 18.85
CA ILE A 473 -28.74 1.98 18.93
C ILE A 473 -27.60 2.00 17.94
N GLY A 474 -27.31 3.19 17.42
CA GLY A 474 -26.22 3.34 16.48
C GLY A 474 -25.37 4.54 16.89
N ASN A 475 -24.23 4.27 17.51
CA ASN A 475 -23.37 5.36 17.91
C ASN A 475 -22.61 5.87 16.69
N VAL A 476 -22.35 7.17 16.65
CA VAL A 476 -21.70 7.77 15.49
C VAL A 476 -20.46 8.62 15.77
N TRP A 477 -19.47 8.46 14.90
CA TRP A 477 -18.21 9.20 14.95
C TRP A 477 -18.03 9.71 13.53
N ALA A 478 -17.60 10.96 13.37
CA ALA A 478 -17.42 11.50 12.03
C ALA A 478 -16.47 12.68 11.94
N PHE A 479 -16.03 12.95 10.71
CA PHE A 479 -15.19 14.11 10.43
C PHE A 479 -15.81 14.82 9.24
N ASP A 480 -15.53 16.10 9.10
CA ASP A 480 -16.09 16.90 8.02
C ASP A 480 -15.23 18.13 7.81
N ARG A 481 -15.76 19.10 7.06
CA ARG A 481 -15.02 20.33 6.79
C ARG A 481 -14.76 21.12 8.07
N GLY A 482 -15.58 20.91 9.09
CA GLY A 482 -15.39 21.63 10.32
C GLY A 482 -14.07 21.26 10.99
N SER A 483 -13.69 19.99 10.89
CA SER A 483 -12.45 19.52 11.50
C SER A 483 -12.11 18.11 11.08
N SER A 484 -10.82 17.83 10.96
CA SER A 484 -10.35 16.51 10.60
C SER A 484 -10.33 15.62 11.84
N ASN A 485 -10.59 16.22 13.01
CA ASN A 485 -10.64 15.44 14.24
C ASN A 485 -11.94 14.66 14.17
N ILE A 486 -11.87 13.36 14.45
CA ILE A 486 -13.07 12.53 14.43
C ILE A 486 -13.79 12.73 15.76
N THR A 487 -15.01 13.23 15.69
CA THR A 487 -15.78 13.48 16.90
C THR A 487 -17.07 12.65 16.97
N GLN A 488 -17.46 12.24 18.18
CA GLN A 488 -18.67 11.44 18.34
C GLN A 488 -19.88 12.34 18.17
N ARG A 489 -20.88 11.83 17.47
CA ARG A 489 -22.10 12.59 17.20
C ARG A 489 -23.29 12.00 17.96
N THR A 490 -24.44 12.64 17.83
CA THR A 490 -25.65 12.15 18.48
C THR A 490 -25.97 10.77 17.95
N PRO A 491 -26.26 9.82 18.84
CA PRO A 491 -26.58 8.45 18.41
C PRO A 491 -27.93 8.29 17.72
N ILE A 492 -28.01 7.31 16.82
CA ILE A 492 -29.23 6.97 16.10
C ILE A 492 -30.00 6.11 17.10
N VAL A 493 -31.23 6.47 17.42
CA VAL A 493 -32.01 5.70 18.39
C VAL A 493 -33.34 5.16 17.89
N ASN A 494 -33.88 5.71 16.81
CA ASN A 494 -35.17 5.22 16.36
C ASN A 494 -35.05 4.20 15.25
N ILE A 495 -34.72 2.97 15.62
CA ILE A 495 -34.60 1.89 14.65
C ILE A 495 -35.82 0.99 14.79
N LYS A 496 -36.55 0.84 13.69
CA LYS A 496 -37.75 0.01 13.69
C LYS A 496 -37.55 -1.20 12.79
N ASP A 497 -37.44 -2.38 13.38
CA ASP A 497 -37.24 -3.61 12.62
C ASP A 497 -35.99 -3.47 11.75
N ASN A 498 -34.91 -2.99 12.37
CA ASN A 498 -33.64 -2.79 11.70
C ASN A 498 -33.67 -1.83 10.51
N THR A 499 -34.54 -0.84 10.60
CA THR A 499 -34.64 0.19 9.58
C THR A 499 -34.60 1.54 10.27
N PHE A 500 -34.00 2.53 9.62
CA PHE A 500 -33.92 3.88 10.17
C PHE A 500 -33.51 4.85 9.08
N THR A 501 -33.74 6.13 9.33
CA THR A 501 -33.39 7.17 8.38
C THR A 501 -32.36 8.08 9.03
N TYR A 502 -31.29 8.36 8.30
CA TYR A 502 -30.23 9.21 8.83
C TYR A 502 -29.75 10.18 7.76
N THR A 503 -29.87 11.47 8.05
CA THR A 503 -29.44 12.51 7.12
C THR A 503 -28.05 13.01 7.49
N VAL A 504 -27.15 12.98 6.52
CA VAL A 504 -25.77 13.40 6.72
C VAL A 504 -25.47 14.70 5.98
N PRO A 505 -24.81 15.66 6.65
CA PRO A 505 -24.48 16.93 5.99
C PRO A 505 -23.58 16.68 4.78
N ALA A 506 -23.41 17.69 3.94
CA ALA A 506 -22.57 17.57 2.77
C ALA A 506 -21.14 17.23 3.19
N LEU A 507 -20.41 16.56 2.32
CA LEU A 507 -19.02 16.18 2.55
C LEU A 507 -18.71 15.76 3.99
N THR A 508 -19.31 14.66 4.42
CA THR A 508 -19.09 14.14 5.76
C THR A 508 -18.79 12.64 5.66
N ALA A 509 -17.94 12.17 6.56
CA ALA A 509 -17.57 10.76 6.59
C ALA A 509 -17.95 10.25 7.98
N CYS A 510 -18.79 9.21 8.02
CA CYS A 510 -19.26 8.66 9.29
C CYS A 510 -18.91 7.20 9.51
N HIS A 511 -18.84 6.83 10.79
CA HIS A 511 -18.62 5.44 11.18
C HIS A 511 -19.74 5.17 12.18
N ILE A 512 -20.68 4.33 11.77
CA ILE A 512 -21.82 3.99 12.61
C ILE A 512 -21.62 2.62 13.21
N VAL A 513 -21.85 2.51 14.51
CA VAL A 513 -21.72 1.25 15.23
C VAL A 513 -23.08 0.89 15.82
N LEU A 514 -23.72 -0.12 15.23
CA LEU A 514 -25.02 -0.57 15.68
C LEU A 514 -24.91 -1.75 16.65
N GLU A 515 -25.78 -1.76 17.65
CA GLU A 515 -25.80 -2.85 18.62
C GLU A 515 -27.20 -2.95 19.24
C2 BGC B . 8.65 6.54 -4.99
C3 BGC B . 8.90 7.45 -3.78
C4 BGC B . 8.70 8.92 -4.21
C5 BGC B . 7.33 9.07 -4.85
C6 BGC B . 7.14 10.51 -5.31
C1 BGC B . 7.26 6.82 -5.56
O1 BGC B . 7.04 5.99 -6.70
O2 BGC B . 8.74 5.17 -4.58
O3 BGC B . 10.23 7.27 -3.30
O4 BGC B . 8.78 9.79 -3.08
O5 BGC B . 7.19 8.19 -5.97
O6 BGC B . 5.87 10.65 -5.93
C2 BGC B . 10.11 11.71 -2.47
C3 BGC B . 11.55 12.22 -2.43
C4 BGC B . 12.42 11.31 -1.56
C5 BGC B . 12.21 9.84 -1.90
C6 BGC B . 12.94 8.98 -0.86
C1 BGC B . 10.13 10.26 -2.93
O2 BGC B . 9.35 12.48 -3.40
O3 BGC B . 11.56 13.55 -1.88
O4 BGC B . 13.80 11.61 -1.78
O5 BGC B . 10.82 9.48 -1.93
O6 BGC B . 12.73 7.60 -1.14
C2 BGC B . 15.87 12.41 -0.85
C3 BGC B . 16.49 13.14 0.34
C4 BGC B . 15.82 14.49 0.54
C5 BGC B . 14.30 14.35 0.53
C6 BGC B . 13.65 15.74 0.60
C1 BGC B . 14.35 12.33 -0.67
O2 BGC B . 16.40 11.09 -0.94
O3 BGC B . 17.89 13.32 0.08
O4 BGC B . 16.18 15.05 1.81
O5 BGC B . 13.83 13.67 -0.64
O6 BGC B . 14.05 16.50 -0.55
C2 BGC B . 17.39 16.66 3.08
C3 BGC B . 18.62 17.58 3.11
C4 BGC B . 19.87 16.77 2.77
C5 BGC B . 19.66 16.07 1.44
C6 BGC B . 20.90 15.24 1.09
C1 BGC B . 17.31 15.94 1.73
O2 BGC B . 16.21 17.44 3.27
O3 BGC B . 18.75 18.15 4.41
O4 BGC B . 21.00 17.63 2.69
O5 BGC B . 18.51 15.20 1.50
O6 BGC B . 21.11 14.25 2.10
C2 BGC B . 23.33 17.94 3.23
C3 BGC B . 24.43 17.64 4.24
C4 BGC B . 23.92 17.96 5.64
C5 BGC B . 22.62 17.21 5.90
C6 BGC B . 22.12 17.52 7.32
C1 BGC B . 22.03 17.23 3.61
O2 BGC B . 23.73 17.53 1.92
O3 BGC B . 25.57 18.45 3.95
O4 BGC B . 24.91 17.58 6.61
O5 BGC B . 21.64 17.61 4.94
O6 BGC B . 20.92 16.79 7.57
ZN ZN C . -0.92 14.74 10.66
CL CL D . 8.35 0.04 -11.92
C1 GOL E . 5.20 6.45 13.81
O1 GOL E . 4.09 7.27 13.40
C2 GOL E . 5.03 5.03 13.24
O2 GOL E . 5.08 5.11 11.81
C3 GOL E . 6.16 4.14 13.73
O3 GOL E . 5.97 2.81 13.22
C1 GOL F . -5.70 14.05 12.78
O1 GOL F . -4.32 14.12 12.49
C2 GOL F . -6.15 12.60 12.75
O2 GOL F . -5.38 11.85 13.69
C3 GOL F . -7.63 12.52 13.09
O3 GOL F . -8.06 11.16 13.09
CA CA G . 30.40 -6.57 2.75
#